data_1VFH
#
_entry.id   1VFH
#
_cell.length_a   83.980
_cell.length_b   63.380
_cell.length_c   85.950
_cell.angle_alpha   90.00
_cell.angle_beta   120.14
_cell.angle_gamma   90.00
#
_symmetry.space_group_name_H-M   'C 1 2 1'
#
loop_
_entity.id
_entity.type
_entity.pdbx_description
1 polymer 'alanine racemase'
2 non-polymer "PYRIDOXAL-5'-PHOSPHATE"
3 water water
#
_entity_poly.entity_id   1
_entity_poly.type   'polypeptide(L)'
_entity_poly.pdbx_seq_one_letter_code
;MNETPTRVYAEIDLDAVRANVRALRARAPRSALMAVVKSNAYGHGAVPCARAAQEAGAAWLGTATPEEALELRAAGIQGR
IMCWLWTPGGPWREAIETDIDVSVSGMWALDEVRAAARAAGRTARIQL(KCX)ADTGLGRNGCQPADWAELVGAAVAAQA
EGTVQVTGVWSHFACADEPGHPSIRLQLDAFRDMLAYAEKEGVDPEVRHIANSPATLTLPETHFDLVRTGLAVYGVSPSP
ELGTPAQLGLRPAMTLRASLALVKTVPAGHGVSYGHHYVTESETHLALVPAGYADGIPRNASGRGPVLVAGKIRRAAGRI
AMDQFVVDLGEDLAEAGDEAVILGDAERGEPTAEDWAQAAHTIAYEIVTRIGGRVPRVYLGGLEHHHHHH
;
_entity_poly.pdbx_strand_id   A
#
loop_
_chem_comp.id
_chem_comp.type
_chem_comp.name
_chem_comp.formula
PLP non-polymer PYRIDOXAL-5'-PHOSPHATE 'C8 H10 N O6 P'
#
# COMPACT_ATOMS: atom_id res chain seq x y z
N GLU A 3 0.22 -13.50 24.61
CA GLU A 3 1.41 -12.69 24.20
C GLU A 3 1.82 -12.98 22.76
N THR A 4 1.68 -14.24 22.34
CA THR A 4 2.02 -14.63 20.97
C THR A 4 0.89 -15.44 20.34
N PRO A 5 0.32 -14.95 19.23
CA PRO A 5 -0.78 -15.67 18.57
C PRO A 5 -0.37 -17.12 18.28
N THR A 6 -1.27 -18.06 18.55
CA THR A 6 -0.96 -19.46 18.35
C THR A 6 -1.53 -20.02 17.06
N ARG A 7 -2.26 -19.21 16.30
CA ARG A 7 -2.86 -19.68 15.07
C ARG A 7 -2.14 -19.13 13.85
N VAL A 8 -2.23 -17.82 13.67
CA VAL A 8 -1.59 -17.13 12.56
C VAL A 8 -1.46 -15.67 12.96
N TYR A 9 -0.33 -15.05 12.63
CA TYR A 9 -0.11 -13.64 12.95
C TYR A 9 0.88 -12.98 12.00
N ALA A 10 0.79 -11.65 11.94
CA ALA A 10 1.66 -10.87 11.07
C ALA A 10 2.64 -10.08 11.91
N GLU A 11 3.92 -10.37 11.71
CA GLU A 11 4.98 -9.68 12.43
C GLU A 11 5.46 -8.54 11.52
N ILE A 12 5.36 -7.32 12.02
CA ILE A 12 5.77 -6.15 11.25
C ILE A 12 7.07 -5.55 11.78
N ASP A 13 8.11 -5.63 10.97
CA ASP A 13 9.41 -5.08 11.34
C ASP A 13 9.44 -3.58 11.02
N LEU A 14 9.28 -2.76 12.06
CA LEU A 14 9.27 -1.31 11.92
C LEU A 14 10.63 -0.77 11.49
N ASP A 15 11.69 -1.55 11.73
CA ASP A 15 13.04 -1.13 11.36
C ASP A 15 13.23 -1.25 9.85
N ALA A 16 12.53 -2.19 9.22
CA ALA A 16 12.61 -2.36 7.78
C ALA A 16 11.92 -1.15 7.17
N VAL A 17 10.87 -0.68 7.83
CA VAL A 17 10.12 0.47 7.35
C VAL A 17 10.98 1.75 7.38
N ARG A 18 11.67 1.97 8.49
CA ARG A 18 12.53 3.14 8.65
C ARG A 18 13.67 3.13 7.64
N ALA A 19 14.25 1.96 7.43
CA ALA A 19 15.35 1.80 6.49
C ALA A 19 14.90 2.05 5.06
N ASN A 20 13.69 1.60 4.75
CA ASN A 20 13.16 1.77 3.40
C ASN A 20 12.91 3.23 3.02
N VAL A 21 12.34 4.03 3.93
CA VAL A 21 12.10 5.42 3.60
C VAL A 21 13.41 6.18 3.45
N ARG A 22 14.45 5.71 4.12
CA ARG A 22 15.76 6.34 4.03
C ARG A 22 16.35 5.95 2.68
N ALA A 23 16.21 4.68 2.33
CA ALA A 23 16.72 4.20 1.06
C ALA A 23 16.02 4.96 -0.06
N LEU A 24 14.73 5.23 0.14
CA LEU A 24 13.92 5.93 -0.83
C LEU A 24 14.21 7.42 -0.87
N ARG A 25 14.50 8.01 0.29
CA ARG A 25 14.79 9.43 0.35
C ARG A 25 16.07 9.73 -0.41
N ALA A 26 17.01 8.79 -0.38
CA ALA A 26 18.28 8.94 -1.08
C ALA A 26 18.08 8.84 -2.57
N ARG A 27 16.98 8.20 -2.98
CA ARG A 27 16.67 8.03 -4.40
C ARG A 27 16.18 9.32 -5.04
N ALA A 28 15.52 10.16 -4.24
CA ALA A 28 15.01 11.44 -4.71
C ALA A 28 15.46 12.51 -3.74
N PRO A 29 16.77 12.81 -3.74
CA PRO A 29 17.41 13.81 -2.86
C PRO A 29 16.84 15.22 -2.97
N ARG A 30 16.51 15.63 -4.18
CA ARG A 30 15.98 16.96 -4.41
C ARG A 30 14.51 17.11 -4.02
N SER A 31 13.80 15.99 -3.92
CA SER A 31 12.37 16.02 -3.59
C SER A 31 12.05 15.58 -2.17
N ALA A 32 10.82 15.85 -1.74
CA ALA A 32 10.35 15.47 -0.41
C ALA A 32 9.61 14.14 -0.57
N LEU A 33 9.53 13.38 0.53
CA LEU A 33 8.90 12.06 0.50
C LEU A 33 7.57 12.01 1.24
N MET A 34 6.54 11.52 0.54
CA MET A 34 5.24 11.34 1.15
C MET A 34 5.03 9.83 1.31
N ALA A 35 4.85 9.38 2.54
CA ALA A 35 4.63 7.96 2.82
C ALA A 35 3.13 7.71 2.71
N VAL A 36 2.73 6.87 1.76
CA VAL A 36 1.32 6.56 1.59
C VAL A 36 0.95 5.37 2.48
N VAL A 37 0.10 5.63 3.47
CA VAL A 37 -0.32 4.60 4.41
C VAL A 37 -1.80 4.22 4.27
N LYS A 38 -2.34 4.38 3.07
CA LYS A 38 -3.74 4.05 2.82
C LYS A 38 -3.99 2.55 3.01
N SER A 39 -5.24 2.19 3.26
CA SER A 39 -5.65 0.80 3.45
C SER A 39 -4.90 0.14 4.60
N ASN A 40 -4.88 0.81 5.75
CA ASN A 40 -4.19 0.29 6.93
C ASN A 40 -2.72 0.03 6.64
N ALA A 41 -2.10 1.00 5.96
CA ALA A 41 -0.69 0.91 5.57
C ALA A 41 -0.46 -0.35 4.76
N TYR A 42 -1.28 -0.53 3.72
CA TYR A 42 -1.15 -1.69 2.86
C TYR A 42 -1.18 -3.01 3.67
N GLY A 43 -1.92 -3.01 4.77
CA GLY A 43 -2.01 -4.22 5.57
C GLY A 43 -1.02 -4.33 6.71
N HIS A 44 -0.16 -3.33 6.90
CA HIS A 44 0.84 -3.37 7.95
C HIS A 44 0.49 -2.64 9.24
N GLY A 45 -0.57 -1.84 9.23
CA GLY A 45 -0.93 -1.08 10.43
C GLY A 45 -0.65 0.40 10.22
N ALA A 46 -1.70 1.17 9.96
CA ALA A 46 -1.58 2.60 9.68
C ALA A 46 -0.82 3.48 10.67
N VAL A 47 -1.26 3.52 11.93
CA VAL A 47 -0.58 4.36 12.91
C VAL A 47 0.90 4.00 13.15
N PRO A 48 1.20 2.75 13.54
CA PRO A 48 2.60 2.38 13.78
C PRO A 48 3.52 2.70 12.60
N CYS A 49 3.08 2.36 11.40
CA CYS A 49 3.87 2.61 10.20
C CYS A 49 3.97 4.11 9.87
N ALA A 50 2.88 4.85 10.08
CA ALA A 50 2.90 6.29 9.82
C ALA A 50 3.94 6.94 10.74
N ARG A 51 3.90 6.57 12.01
CA ARG A 51 4.84 7.10 13.00
C ARG A 51 6.30 6.77 12.65
N ALA A 52 6.55 5.52 12.29
CA ALA A 52 7.89 5.08 11.93
C ALA A 52 8.45 5.79 10.71
N ALA A 53 7.62 5.90 9.66
CA ALA A 53 8.01 6.55 8.41
C ALA A 53 8.35 8.01 8.65
N GLN A 54 7.51 8.67 9.44
CA GLN A 54 7.71 10.08 9.77
C GLN A 54 9.07 10.28 10.41
N GLU A 55 9.35 9.46 11.43
CA GLU A 55 10.60 9.53 12.17
C GLU A 55 11.81 9.31 11.26
N ALA A 56 11.66 8.45 10.26
CA ALA A 56 12.77 8.16 9.36
C ALA A 56 12.97 9.24 8.28
N GLY A 57 12.12 10.26 8.27
CA GLY A 57 12.30 11.31 7.29
C GLY A 57 11.13 11.66 6.39
N ALA A 58 10.02 10.94 6.51
CA ALA A 58 8.86 11.24 5.69
C ALA A 58 8.29 12.58 6.13
N ALA A 59 8.24 13.55 5.21
CA ALA A 59 7.73 14.88 5.51
C ALA A 59 6.23 14.99 5.29
N TRP A 60 5.69 14.07 4.49
CA TRP A 60 4.25 14.05 4.18
C TRP A 60 3.67 12.65 4.42
N LEU A 61 2.39 12.61 4.76
CA LEU A 61 1.69 11.35 4.97
C LEU A 61 0.52 11.40 4.01
N GLY A 62 0.27 10.29 3.32
CA GLY A 62 -0.83 10.26 2.37
C GLY A 62 -1.77 9.08 2.57
N THR A 63 -3.06 9.37 2.56
CA THR A 63 -4.09 8.34 2.72
C THR A 63 -5.15 8.57 1.65
N ALA A 64 -5.97 7.57 1.39
CA ALA A 64 -7.00 7.71 0.38
C ALA A 64 -8.26 8.39 0.92
N THR A 65 -8.81 7.87 2.01
CA THR A 65 -10.03 8.46 2.56
C THR A 65 -9.81 9.41 3.71
N PRO A 66 -10.79 10.31 3.94
CA PRO A 66 -10.74 11.30 5.03
C PRO A 66 -10.66 10.59 6.39
N GLU A 67 -11.42 9.51 6.53
CA GLU A 67 -11.44 8.73 7.77
C GLU A 67 -10.04 8.21 8.12
N GLU A 68 -9.34 7.69 7.12
CA GLU A 68 -7.98 7.19 7.31
C GLU A 68 -7.08 8.32 7.80
N ALA A 69 -7.23 9.50 7.20
CA ALA A 69 -6.44 10.67 7.58
C ALA A 69 -6.83 11.16 8.98
N LEU A 70 -8.14 11.17 9.26
CA LEU A 70 -8.63 11.61 10.55
C LEU A 70 -8.17 10.63 11.65
N GLU A 71 -8.06 9.35 11.29
CA GLU A 71 -7.62 8.36 12.25
C GLU A 71 -6.18 8.66 12.65
N LEU A 72 -5.40 9.13 11.68
CA LEU A 72 -4.00 9.46 11.91
C LEU A 72 -3.90 10.63 12.86
N ARG A 73 -4.77 11.61 12.67
CA ARG A 73 -4.78 12.80 13.51
C ARG A 73 -5.18 12.43 14.94
N ALA A 74 -6.24 11.64 15.07
CA ALA A 74 -6.74 11.21 16.37
C ALA A 74 -5.68 10.44 17.15
N ALA A 75 -4.64 9.98 16.48
CA ALA A 75 -3.56 9.23 17.13
C ALA A 75 -2.41 10.17 17.44
N GLY A 76 -2.69 11.47 17.40
CA GLY A 76 -1.69 12.48 17.71
C GLY A 76 -0.59 12.72 16.69
N ILE A 77 -0.75 12.20 15.49
CA ILE A 77 0.27 12.41 14.45
C ILE A 77 0.20 13.85 13.94
N GLN A 78 1.33 14.53 13.95
CA GLN A 78 1.39 15.91 13.48
C GLN A 78 2.08 15.94 12.14
N GLY A 79 1.97 17.06 11.43
CA GLY A 79 2.62 17.15 10.14
C GLY A 79 1.64 17.22 8.98
N ARG A 80 2.17 17.34 7.78
CA ARG A 80 1.34 17.44 6.58
C ARG A 80 0.72 16.10 6.21
N ILE A 81 -0.59 16.10 6.01
CA ILE A 81 -1.31 14.91 5.61
C ILE A 81 -2.23 15.29 4.46
N MET A 82 -2.43 14.36 3.54
CA MET A 82 -3.31 14.61 2.40
C MET A 82 -4.12 13.37 2.06
N CYS A 83 -5.38 13.58 1.67
CA CYS A 83 -6.26 12.49 1.25
C CYS A 83 -6.93 12.94 -0.04
N TRP A 84 -7.18 11.99 -0.93
CA TRP A 84 -7.74 12.30 -2.23
C TRP A 84 -9.03 11.63 -2.66
N LEU A 85 -9.49 10.61 -1.92
CA LEU A 85 -10.74 9.94 -2.29
C LEU A 85 -11.92 10.46 -1.49
N TRP A 86 -12.66 11.38 -2.09
CA TRP A 86 -13.81 12.01 -1.47
C TRP A 86 -15.11 11.71 -2.20
N THR A 87 -16.21 11.76 -1.47
CA THR A 87 -17.53 11.54 -2.04
C THR A 87 -18.39 12.67 -1.51
N PRO A 88 -19.45 13.05 -2.24
CA PRO A 88 -20.30 14.13 -1.76
C PRO A 88 -20.77 13.87 -0.32
N GLY A 89 -20.64 14.87 0.54
CA GLY A 89 -21.08 14.71 1.92
C GLY A 89 -20.01 14.32 2.92
N GLY A 90 -18.79 14.11 2.44
CA GLY A 90 -17.70 13.73 3.32
C GLY A 90 -17.47 14.73 4.46
N PRO A 91 -16.54 14.42 5.38
CA PRO A 91 -16.26 15.31 6.51
C PRO A 91 -15.32 16.47 6.16
N TRP A 92 -15.74 17.32 5.23
CA TRP A 92 -14.91 18.45 4.82
C TRP A 92 -14.50 19.33 5.99
N ARG A 93 -15.48 19.69 6.81
CA ARG A 93 -15.21 20.54 7.98
C ARG A 93 -14.18 19.94 8.90
N GLU A 94 -14.42 18.69 9.31
CA GLU A 94 -13.51 17.98 10.21
C GLU A 94 -12.09 17.93 9.66
N ALA A 95 -11.95 17.67 8.37
CA ALA A 95 -10.64 17.58 7.73
C ALA A 95 -9.96 18.96 7.65
N ILE A 96 -10.76 20.00 7.43
CA ILE A 96 -10.23 21.36 7.34
C ILE A 96 -9.76 21.80 8.73
N GLU A 97 -10.57 21.49 9.74
CA GLU A 97 -10.24 21.84 11.11
C GLU A 97 -9.01 21.10 11.63
N THR A 98 -8.73 19.93 11.08
CA THR A 98 -7.57 19.14 11.51
C THR A 98 -6.35 19.48 10.65
N ASP A 99 -6.50 20.46 9.78
CA ASP A 99 -5.43 20.89 8.90
C ASP A 99 -4.91 19.79 7.99
N ILE A 100 -5.81 19.23 7.19
CA ILE A 100 -5.45 18.18 6.26
C ILE A 100 -5.65 18.68 4.84
N ASP A 101 -4.66 18.46 3.98
CA ASP A 101 -4.73 18.86 2.58
C ASP A 101 -5.69 17.94 1.85
N VAL A 102 -6.73 18.51 1.23
CA VAL A 102 -7.70 17.72 0.50
C VAL A 102 -7.58 17.94 -1.01
N SER A 103 -7.72 16.87 -1.77
CA SER A 103 -7.62 16.96 -3.22
C SER A 103 -8.98 17.34 -3.83
N VAL A 104 -8.94 18.12 -4.89
CA VAL A 104 -10.14 18.55 -5.59
C VAL A 104 -10.02 18.13 -7.06
N SER A 105 -11.02 17.43 -7.56
CA SER A 105 -11.02 16.93 -8.93
C SER A 105 -12.23 17.38 -9.74
N GLY A 106 -13.19 18.01 -9.06
CA GLY A 106 -14.39 18.49 -9.72
C GLY A 106 -14.93 19.73 -9.06
N MET A 107 -15.86 20.41 -9.73
CA MET A 107 -16.45 21.61 -9.19
C MET A 107 -17.24 21.28 -7.92
N TRP A 108 -17.94 20.14 -7.94
CA TRP A 108 -18.74 19.74 -6.78
C TRP A 108 -17.89 19.68 -5.52
N ALA A 109 -16.65 19.21 -5.64
CA ALA A 109 -15.74 19.12 -4.50
C ALA A 109 -15.35 20.50 -4.02
N LEU A 110 -15.02 21.38 -4.95
CA LEU A 110 -14.63 22.75 -4.63
C LEU A 110 -15.71 23.51 -3.88
N ASP A 111 -16.96 23.33 -4.29
CA ASP A 111 -18.06 24.02 -3.63
C ASP A 111 -18.34 23.51 -2.23
N GLU A 112 -18.13 22.21 -2.00
CA GLU A 112 -18.37 21.64 -0.67
C GLU A 112 -17.28 22.08 0.29
N VAL A 113 -16.04 22.17 -0.20
CA VAL A 113 -14.94 22.60 0.66
C VAL A 113 -15.02 24.10 0.97
N ARG A 114 -15.47 24.90 0.00
CA ARG A 114 -15.61 26.34 0.20
C ARG A 114 -16.62 26.62 1.30
N ALA A 115 -17.78 25.98 1.21
CA ALA A 115 -18.83 26.14 2.20
C ALA A 115 -18.38 25.62 3.57
N ALA A 116 -17.54 24.60 3.56
CA ALA A 116 -17.04 24.01 4.80
C ALA A 116 -15.97 24.88 5.45
N ALA A 117 -15.17 25.56 4.61
CA ALA A 117 -14.11 26.44 5.12
C ALA A 117 -14.74 27.64 5.82
N ARG A 118 -15.98 27.95 5.43
CA ARG A 118 -16.73 29.05 6.02
C ARG A 118 -17.14 28.66 7.43
N ALA A 119 -17.90 27.58 7.55
CA ALA A 119 -18.35 27.10 8.84
C ALA A 119 -17.16 26.93 9.77
N ALA A 120 -16.09 26.33 9.26
CA ALA A 120 -14.88 26.12 10.03
C ALA A 120 -14.22 27.45 10.39
N GLY A 121 -14.44 28.45 9.54
CA GLY A 121 -13.85 29.75 9.80
C GLY A 121 -12.35 29.70 9.56
N ARG A 122 -11.93 28.93 8.56
CA ARG A 122 -10.52 28.81 8.23
C ARG A 122 -10.32 28.56 6.74
N THR A 123 -9.09 28.74 6.28
CA THR A 123 -8.74 28.53 4.89
C THR A 123 -8.37 27.05 4.69
N ALA A 124 -8.98 26.42 3.70
CA ALA A 124 -8.72 25.02 3.41
C ALA A 124 -7.57 24.87 2.43
N ARG A 125 -6.67 23.94 2.70
CA ARG A 125 -5.52 23.68 1.83
C ARG A 125 -5.94 22.62 0.82
N ILE A 126 -6.22 23.04 -0.41
CA ILE A 126 -6.63 22.11 -1.45
C ILE A 126 -5.55 21.87 -2.49
N GLN A 127 -5.60 20.71 -3.13
CA GLN A 127 -4.64 20.37 -4.18
C GLN A 127 -5.45 19.95 -5.39
N LEU A 128 -5.14 20.55 -6.53
CA LEU A 128 -5.85 20.26 -7.77
C LEU A 128 -5.29 19.05 -8.49
N KCX A 129 -6.13 18.05 -8.74
CA KCX A 129 -5.67 16.86 -9.44
CB KCX A 129 -6.24 15.57 -8.84
CG KCX A 129 -5.36 14.37 -9.19
CD KCX A 129 -6.14 13.07 -9.30
CE KCX A 129 -5.20 11.91 -9.63
NZ KCX A 129 -5.51 10.72 -8.80
C KCX A 129 -6.04 16.90 -10.90
O KCX A 129 -7.19 17.10 -11.27
CX KCX A 129 -6.25 9.56 -9.26
OQ1 KCX A 129 -6.69 9.51 -10.43
OQ2 KCX A 129 -6.49 8.62 -8.47
N ALA A 130 -5.02 16.68 -11.73
CA ALA A 130 -5.20 16.67 -13.17
C ALA A 130 -5.25 15.23 -13.69
N ASP A 131 -6.22 14.94 -14.55
CA ASP A 131 -6.31 13.61 -15.14
C ASP A 131 -5.47 13.65 -16.42
N THR A 132 -4.21 13.27 -16.30
CA THR A 132 -3.27 13.28 -17.40
C THR A 132 -3.27 12.00 -18.23
N GLY A 133 -4.31 11.19 -18.10
CA GLY A 133 -4.37 9.97 -18.89
C GLY A 133 -4.77 8.69 -18.16
N LEU A 134 -4.72 8.69 -16.83
CA LEU A 134 -5.09 7.49 -16.07
C LEU A 134 -6.57 7.20 -16.28
N GLY A 135 -7.37 8.27 -16.36
CA GLY A 135 -8.80 8.10 -16.57
C GLY A 135 -9.56 7.68 -15.32
N ARG A 136 -8.97 7.91 -14.16
CA ARG A 136 -9.59 7.54 -12.90
C ARG A 136 -10.19 8.78 -12.24
N ASN A 137 -9.46 9.35 -11.29
CA ASN A 137 -9.91 10.57 -10.61
C ASN A 137 -9.27 11.74 -11.35
N GLY A 138 -9.38 12.94 -10.80
CA GLY A 138 -8.76 14.09 -11.44
C GLY A 138 -9.62 14.83 -12.45
N CYS A 139 -9.13 16.00 -12.87
CA CYS A 139 -9.85 16.82 -13.83
C CYS A 139 -9.34 16.60 -15.25
N GLN A 140 -10.27 16.29 -16.17
CA GLN A 140 -9.92 16.08 -17.57
C GLN A 140 -9.41 17.41 -18.18
N PRO A 141 -8.49 17.33 -19.15
CA PRO A 141 -7.96 18.56 -19.75
C PRO A 141 -9.04 19.57 -20.18
N ALA A 142 -10.11 19.09 -20.82
CA ALA A 142 -11.19 19.94 -21.29
C ALA A 142 -11.96 20.69 -20.19
N ASP A 143 -11.73 20.34 -18.93
CA ASP A 143 -12.42 20.98 -17.82
C ASP A 143 -11.46 21.71 -16.89
N TRP A 144 -10.17 21.55 -17.15
CA TRP A 144 -9.10 22.17 -16.36
C TRP A 144 -9.23 23.69 -16.26
N ALA A 145 -9.38 24.35 -17.39
CA ALA A 145 -9.50 25.80 -17.42
C ALA A 145 -10.55 26.27 -16.41
N GLU A 146 -11.74 25.71 -16.51
CA GLU A 146 -12.83 26.09 -15.62
C GLU A 146 -12.53 25.84 -14.16
N LEU A 147 -11.93 24.69 -13.86
CA LEU A 147 -11.62 24.35 -12.48
C LEU A 147 -10.55 25.27 -11.92
N VAL A 148 -9.47 25.48 -12.69
CA VAL A 148 -8.40 26.35 -12.23
C VAL A 148 -8.93 27.75 -11.94
N GLY A 149 -9.84 28.22 -12.78
CA GLY A 149 -10.41 29.53 -12.57
C GLY A 149 -11.24 29.60 -11.31
N ALA A 150 -12.09 28.60 -11.10
CA ALA A 150 -12.93 28.56 -9.92
C ALA A 150 -12.10 28.48 -8.64
N ALA A 151 -10.93 27.87 -8.75
CA ALA A 151 -10.01 27.71 -7.62
C ALA A 151 -9.32 29.01 -7.22
N VAL A 152 -8.80 29.74 -8.21
CA VAL A 152 -8.11 31.00 -7.94
C VAL A 152 -9.11 32.05 -7.45
N ALA A 153 -10.38 31.86 -7.82
CA ALA A 153 -11.45 32.76 -7.41
C ALA A 153 -11.81 32.48 -5.96
N ALA A 154 -11.87 31.20 -5.61
CA ALA A 154 -12.19 30.79 -4.24
C ALA A 154 -11.05 31.21 -3.31
N GLN A 155 -9.85 31.29 -3.87
CA GLN A 155 -8.66 31.68 -3.13
C GLN A 155 -8.75 33.17 -2.81
N ALA A 156 -9.26 33.93 -3.78
CA ALA A 156 -9.43 35.37 -3.64
C ALA A 156 -10.40 35.65 -2.50
N GLU A 157 -11.48 34.87 -2.46
CA GLU A 157 -12.49 35.02 -1.42
C GLU A 157 -11.97 34.58 -0.05
N GLY A 158 -10.72 34.11 -0.03
CA GLY A 158 -10.08 33.68 1.21
C GLY A 158 -10.57 32.35 1.76
N THR A 159 -11.47 31.71 1.03
CA THR A 159 -12.04 30.44 1.44
C THR A 159 -11.08 29.23 1.31
N VAL A 160 -10.29 29.18 0.25
CA VAL A 160 -9.33 28.09 0.05
C VAL A 160 -7.97 28.61 -0.34
N GLN A 161 -7.00 27.71 -0.43
CA GLN A 161 -5.65 28.06 -0.81
C GLN A 161 -5.01 26.85 -1.50
N VAL A 162 -4.85 26.92 -2.81
CA VAL A 162 -4.27 25.83 -3.60
C VAL A 162 -2.81 25.59 -3.27
N THR A 163 -2.56 24.55 -2.48
CA THR A 163 -1.20 24.20 -2.04
C THR A 163 -0.46 23.24 -2.96
N GLY A 164 -1.16 22.67 -3.94
CA GLY A 164 -0.48 21.75 -4.83
C GLY A 164 -1.24 21.39 -6.10
N VAL A 165 -0.48 20.91 -7.07
CA VAL A 165 -1.03 20.49 -8.35
C VAL A 165 -0.36 19.14 -8.56
N TRP A 166 -1.17 18.12 -8.83
CA TRP A 166 -0.64 16.77 -9.00
C TRP A 166 -1.43 15.87 -9.93
N SER A 167 -0.85 14.72 -10.24
CA SER A 167 -1.48 13.73 -11.10
C SER A 167 -0.99 12.34 -10.68
N HIS A 168 -1.42 11.32 -11.42
CA HIS A 168 -1.07 9.93 -11.13
C HIS A 168 -0.84 9.08 -12.40
N PHE A 169 0.22 8.29 -12.39
CA PHE A 169 0.58 7.43 -13.53
C PHE A 169 -0.24 6.14 -13.65
N ALA A 170 -0.45 5.69 -14.88
CA ALA A 170 -1.22 4.48 -15.16
C ALA A 170 -0.36 3.25 -15.44
N CYS A 171 0.82 3.47 -16.03
CA CYS A 171 1.70 2.36 -16.38
C CYS A 171 3.17 2.60 -16.00
N ALA A 172 3.40 3.31 -14.91
CA ALA A 172 4.76 3.59 -14.46
C ALA A 172 5.51 2.33 -14.04
N ASP A 173 4.78 1.28 -13.70
CA ASP A 173 5.40 0.03 -13.29
C ASP A 173 5.89 -0.80 -14.47
N GLU A 174 5.51 -0.37 -15.68
CA GLU A 174 5.92 -1.03 -16.91
C GLU A 174 6.95 -0.12 -17.57
N PRO A 175 8.24 -0.31 -17.22
CA PRO A 175 9.34 0.50 -17.76
C PRO A 175 9.32 0.71 -19.28
N GLY A 176 9.50 1.96 -19.68
CA GLY A 176 9.52 2.29 -21.10
C GLY A 176 8.17 2.34 -21.77
N HIS A 177 7.09 2.39 -20.98
CA HIS A 177 5.76 2.44 -21.56
C HIS A 177 5.50 3.83 -22.16
N PRO A 178 5.00 3.88 -23.40
CA PRO A 178 4.70 5.14 -24.08
C PRO A 178 3.82 6.10 -23.29
N SER A 179 2.84 5.54 -22.57
CA SER A 179 1.91 6.35 -21.78
C SER A 179 2.59 7.18 -20.70
N ILE A 180 3.71 6.68 -20.18
CA ILE A 180 4.43 7.40 -19.13
C ILE A 180 4.85 8.80 -19.59
N ARG A 181 5.58 8.87 -20.70
CA ARG A 181 6.04 10.15 -21.23
C ARG A 181 4.86 11.05 -21.60
N LEU A 182 3.87 10.49 -22.27
CA LEU A 182 2.70 11.24 -22.67
C LEU A 182 2.01 11.89 -21.47
N GLN A 183 1.99 11.18 -20.35
CA GLN A 183 1.36 11.70 -19.14
C GLN A 183 2.21 12.79 -18.51
N LEU A 184 3.52 12.59 -18.51
CA LEU A 184 4.43 13.56 -17.92
C LEU A 184 4.35 14.90 -18.66
N ASP A 185 4.27 14.84 -19.99
CA ASP A 185 4.18 16.06 -20.78
C ASP A 185 2.85 16.75 -20.53
N ALA A 186 1.79 15.96 -20.48
CA ALA A 186 0.46 16.50 -20.23
C ALA A 186 0.43 17.19 -18.87
N PHE A 187 1.19 16.64 -17.93
CA PHE A 187 1.26 17.19 -16.59
C PHE A 187 1.99 18.53 -16.62
N ARG A 188 3.13 18.57 -17.30
CA ARG A 188 3.92 19.79 -17.40
C ARG A 188 3.08 20.92 -17.99
N ASP A 189 2.40 20.62 -19.09
CA ASP A 189 1.56 21.59 -19.78
C ASP A 189 0.36 22.03 -18.95
N MET A 190 -0.22 21.11 -18.18
CA MET A 190 -1.37 21.45 -17.36
C MET A 190 -0.92 22.22 -16.12
N LEU A 191 0.26 21.89 -15.62
CA LEU A 191 0.82 22.56 -14.45
C LEU A 191 1.10 24.01 -14.84
N ALA A 192 1.72 24.19 -16.01
CA ALA A 192 2.05 25.52 -16.51
C ALA A 192 0.81 26.41 -16.57
N TYR A 193 -0.22 25.96 -17.25
CA TYR A 193 -1.45 26.73 -17.37
C TYR A 193 -2.01 27.16 -16.03
N ALA A 194 -1.85 26.30 -15.01
CA ALA A 194 -2.34 26.62 -13.68
C ALA A 194 -1.53 27.77 -13.08
N GLU A 195 -0.22 27.68 -13.22
CA GLU A 195 0.68 28.70 -12.70
C GLU A 195 0.41 30.07 -13.32
N LYS A 196 0.27 30.11 -14.64
CA LYS A 196 0.01 31.36 -15.35
C LYS A 196 -1.30 32.00 -14.94
N GLU A 197 -2.32 31.16 -14.74
CA GLU A 197 -3.65 31.64 -14.35
C GLU A 197 -3.74 32.09 -12.90
N GLY A 198 -2.67 31.91 -12.12
CA GLY A 198 -2.70 32.36 -10.74
C GLY A 198 -2.39 31.35 -9.64
N VAL A 199 -2.19 30.08 -9.98
CA VAL A 199 -1.88 29.10 -8.96
C VAL A 199 -0.39 29.01 -8.68
N ASP A 200 -0.03 29.15 -7.41
CA ASP A 200 1.35 29.07 -6.95
C ASP A 200 1.36 27.97 -5.89
N PRO A 201 1.56 26.71 -6.32
CA PRO A 201 1.57 25.58 -5.39
C PRO A 201 2.83 25.40 -4.57
N GLU A 202 2.64 24.77 -3.41
CA GLU A 202 3.73 24.46 -2.49
C GLU A 202 4.44 23.23 -3.06
N VAL A 203 3.66 22.30 -3.61
CA VAL A 203 4.23 21.07 -4.15
C VAL A 203 3.63 20.63 -5.48
N ARG A 204 4.49 20.05 -6.32
CA ARG A 204 4.14 19.53 -7.63
C ARG A 204 4.56 18.07 -7.58
N HIS A 205 3.61 17.15 -7.78
CA HIS A 205 3.94 15.74 -7.72
C HIS A 205 3.12 14.85 -8.65
N ILE A 206 3.74 13.74 -9.07
CA ILE A 206 3.06 12.81 -9.96
C ILE A 206 3.54 11.36 -9.78
N ALA A 207 4.73 11.20 -9.21
CA ALA A 207 5.32 9.87 -9.05
C ALA A 207 4.81 9.01 -7.90
N ASN A 208 4.67 7.72 -8.18
CA ASN A 208 4.26 6.73 -7.21
C ASN A 208 5.54 5.92 -6.97
N SER A 209 5.45 4.74 -6.36
CA SER A 209 6.64 3.95 -6.10
C SER A 209 7.45 3.56 -7.36
N PRO A 210 6.79 2.96 -8.37
CA PRO A 210 7.56 2.60 -9.57
C PRO A 210 8.23 3.78 -10.30
N ALA A 211 7.55 4.92 -10.41
CA ALA A 211 8.13 6.07 -11.08
C ALA A 211 9.30 6.61 -10.27
N THR A 212 9.11 6.69 -8.95
CA THR A 212 10.15 7.19 -8.06
C THR A 212 11.44 6.39 -8.19
N LEU A 213 11.32 5.09 -8.42
CA LEU A 213 12.48 4.22 -8.55
C LEU A 213 13.08 4.21 -9.95
N THR A 214 12.33 4.68 -10.93
CA THR A 214 12.81 4.68 -12.30
C THR A 214 12.98 6.01 -13.03
N LEU A 215 12.02 6.92 -12.91
CA LEU A 215 12.10 8.20 -13.61
C LEU A 215 12.33 9.42 -12.72
N PRO A 216 13.60 9.77 -12.46
CA PRO A 216 13.93 10.93 -11.61
C PRO A 216 13.37 12.26 -12.14
N GLU A 217 12.92 12.26 -13.39
CA GLU A 217 12.35 13.47 -13.99
C GLU A 217 10.91 13.63 -13.53
N THR A 218 10.39 12.62 -12.82
CA THR A 218 9.02 12.65 -12.32
C THR A 218 9.00 13.08 -10.85
N HIS A 219 10.18 13.21 -10.25
CA HIS A 219 10.27 13.59 -8.85
C HIS A 219 9.62 14.91 -8.48
N PHE A 220 10.06 15.99 -9.11
CA PHE A 220 9.52 17.32 -8.81
C PHE A 220 9.75 17.63 -7.32
N ASP A 221 8.73 18.17 -6.66
CA ASP A 221 8.84 18.52 -5.24
C ASP A 221 8.49 17.40 -4.28
N LEU A 222 7.62 16.49 -4.71
CA LEU A 222 7.17 15.41 -3.84
C LEU A 222 7.02 14.08 -4.55
N VAL A 223 7.39 13.00 -3.87
CA VAL A 223 7.22 11.67 -4.42
C VAL A 223 6.30 10.94 -3.45
N ARG A 224 5.26 10.31 -3.99
CA ARG A 224 4.28 9.59 -3.18
C ARG A 224 4.62 8.11 -3.22
N THR A 225 5.34 7.63 -2.22
CA THR A 225 5.74 6.23 -2.17
C THR A 225 4.95 5.40 -1.17
N GLY A 226 4.23 4.41 -1.69
CA GLY A 226 3.45 3.53 -0.85
C GLY A 226 4.11 2.16 -0.70
N LEU A 227 3.91 1.29 -1.68
CA LEU A 227 4.45 -0.07 -1.63
C LEU A 227 5.92 -0.25 -1.28
N ALA A 228 6.80 0.44 -1.99
CA ALA A 228 8.24 0.34 -1.75
C ALA A 228 8.63 0.55 -0.28
N VAL A 229 7.86 1.37 0.42
CA VAL A 229 8.08 1.66 1.83
C VAL A 229 7.97 0.39 2.71
N TYR A 230 7.19 -0.58 2.25
CA TYR A 230 6.99 -1.82 3.01
C TYR A 230 7.91 -2.94 2.56
N GLY A 231 8.90 -2.59 1.74
CA GLY A 231 9.86 -3.58 1.28
C GLY A 231 9.41 -4.51 0.20
N VAL A 232 8.39 -4.12 -0.55
CA VAL A 232 7.91 -4.96 -1.63
C VAL A 232 8.10 -4.19 -2.95
N SER A 233 8.56 -4.88 -3.98
CA SER A 233 8.79 -4.24 -5.27
C SER A 233 7.51 -4.18 -6.11
N PRO A 234 7.22 -3.01 -6.71
CA PRO A 234 6.03 -2.79 -7.54
C PRO A 234 5.83 -3.85 -8.62
N SER A 235 6.93 -4.39 -9.12
CA SER A 235 6.85 -5.41 -10.15
C SER A 235 8.17 -6.13 -10.33
N PRO A 236 8.11 -7.40 -10.76
CA PRO A 236 9.37 -8.13 -10.95
C PRO A 236 10.23 -7.47 -12.03
N GLU A 237 9.60 -6.77 -12.96
CA GLU A 237 10.33 -6.09 -14.02
C GLU A 237 11.34 -5.11 -13.43
N LEU A 238 10.94 -4.41 -12.37
CA LEU A 238 11.80 -3.45 -11.71
C LEU A 238 12.86 -4.14 -10.86
N GLY A 239 12.64 -5.42 -10.57
CA GLY A 239 13.60 -6.16 -9.76
C GLY A 239 13.02 -6.62 -8.44
N THR A 240 13.86 -7.26 -7.64
CA THR A 240 13.45 -7.76 -6.34
C THR A 240 13.75 -6.72 -5.27
N PRO A 241 13.13 -6.86 -4.09
CA PRO A 241 13.37 -5.89 -3.02
C PRO A 241 14.86 -5.81 -2.70
N ALA A 242 15.55 -6.94 -2.87
CA ALA A 242 16.99 -7.01 -2.61
C ALA A 242 17.77 -6.13 -3.58
N GLN A 243 17.44 -6.23 -4.86
CA GLN A 243 18.11 -5.43 -5.88
C GLN A 243 17.80 -3.95 -5.69
N LEU A 244 16.55 -3.64 -5.35
CA LEU A 244 16.14 -2.27 -5.15
C LEU A 244 16.70 -1.70 -3.86
N GLY A 245 17.24 -2.58 -3.02
CA GLY A 245 17.79 -2.12 -1.74
C GLY A 245 16.72 -1.96 -0.68
N LEU A 246 15.62 -2.70 -0.84
CA LEU A 246 14.50 -2.64 0.10
C LEU A 246 14.46 -3.89 0.99
N ARG A 247 13.88 -3.74 2.18
CA ARG A 247 13.76 -4.84 3.13
C ARG A 247 12.28 -5.07 3.48
N PRO A 248 11.76 -6.29 3.21
CA PRO A 248 10.36 -6.62 3.51
C PRO A 248 10.03 -6.41 4.98
N ALA A 249 8.91 -5.75 5.25
CA ALA A 249 8.52 -5.46 6.63
C ALA A 249 7.57 -6.50 7.23
N MET A 250 6.84 -7.22 6.38
CA MET A 250 5.88 -8.21 6.86
C MET A 250 6.32 -9.67 6.74
N THR A 251 6.05 -10.42 7.80
CA THR A 251 6.35 -11.85 7.85
C THR A 251 5.10 -12.49 8.44
N LEU A 252 4.40 -13.28 7.63
CA LEU A 252 3.18 -13.96 8.08
C LEU A 252 3.52 -15.36 8.59
N ARG A 253 3.19 -15.63 9.85
CA ARG A 253 3.49 -16.93 10.44
C ARG A 253 2.27 -17.66 10.94
N ALA A 254 2.32 -18.99 10.91
CA ALA A 254 1.21 -19.81 11.37
C ALA A 254 1.74 -21.06 12.09
N SER A 255 0.98 -21.57 13.05
CA SER A 255 1.37 -22.78 13.77
C SER A 255 0.58 -23.97 13.22
N LEU A 256 1.27 -25.08 12.97
CA LEU A 256 0.61 -26.28 12.45
C LEU A 256 -0.46 -26.74 13.44
N ALA A 257 -1.63 -27.08 12.93
CA ALA A 257 -2.74 -27.51 13.79
C ALA A 257 -2.85 -29.03 13.83
N LEU A 258 -2.19 -29.69 12.89
CA LEU A 258 -2.23 -31.14 12.84
C LEU A 258 -1.23 -31.68 11.83
N VAL A 259 -0.74 -32.87 12.12
CA VAL A 259 0.19 -33.59 11.27
C VAL A 259 -0.24 -35.03 11.42
N LYS A 260 -0.51 -35.69 10.31
CA LYS A 260 -0.96 -37.07 10.35
C LYS A 260 -0.53 -37.83 9.10
N THR A 261 -0.60 -39.16 9.17
CA THR A 261 -0.24 -39.99 8.04
C THR A 261 -1.48 -40.43 7.29
N VAL A 262 -1.42 -40.39 5.97
CA VAL A 262 -2.55 -40.80 5.15
C VAL A 262 -2.02 -41.77 4.10
N PRO A 263 -2.89 -42.69 3.65
CA PRO A 263 -2.48 -43.67 2.63
C PRO A 263 -2.46 -43.07 1.23
N ALA A 264 -1.85 -43.81 0.30
CA ALA A 264 -1.78 -43.38 -1.08
C ALA A 264 -3.19 -43.39 -1.66
N GLY A 265 -3.44 -42.49 -2.61
CA GLY A 265 -4.75 -42.41 -3.24
C GLY A 265 -5.80 -41.66 -2.45
N HIS A 266 -5.41 -41.02 -1.34
CA HIS A 266 -6.35 -40.27 -0.51
C HIS A 266 -6.57 -38.85 -1.05
N GLY A 267 -7.82 -38.43 -1.09
CA GLY A 267 -8.16 -37.09 -1.56
C GLY A 267 -7.88 -36.02 -0.51
N VAL A 268 -7.50 -34.83 -0.95
CA VAL A 268 -7.21 -33.75 -0.01
C VAL A 268 -7.99 -32.46 -0.32
N SER A 269 -8.79 -32.04 0.66
CA SER A 269 -9.59 -30.82 0.57
C SER A 269 -10.76 -30.83 -0.43
N TYR A 270 -11.58 -29.77 -0.38
CA TYR A 270 -12.75 -29.62 -1.24
C TYR A 270 -12.48 -29.90 -2.72
N GLY A 271 -13.44 -30.55 -3.36
CA GLY A 271 -13.31 -30.88 -4.77
C GLY A 271 -12.35 -32.02 -5.04
N HIS A 272 -11.55 -32.38 -4.04
CA HIS A 272 -10.58 -33.45 -4.18
C HIS A 272 -9.67 -33.19 -5.37
N HIS A 273 -9.14 -31.98 -5.44
CA HIS A 273 -8.28 -31.60 -6.55
C HIS A 273 -6.84 -32.07 -6.35
N TYR A 274 -6.57 -32.64 -5.19
CA TYR A 274 -5.25 -33.18 -4.89
C TYR A 274 -5.42 -34.59 -4.36
N VAL A 275 -4.55 -35.49 -4.80
CA VAL A 275 -4.60 -36.88 -4.37
C VAL A 275 -3.19 -37.32 -3.99
N THR A 276 -3.06 -37.88 -2.79
CA THR A 276 -1.76 -38.35 -2.32
C THR A 276 -1.21 -39.39 -3.30
N GLU A 277 0.08 -39.29 -3.60
CA GLU A 277 0.73 -40.21 -4.53
C GLU A 277 1.17 -41.47 -3.82
N SER A 278 1.39 -41.33 -2.51
CA SER A 278 1.83 -42.45 -1.69
C SER A 278 1.47 -42.18 -0.24
N GLU A 279 1.80 -43.14 0.61
CA GLU A 279 1.55 -43.00 2.04
C GLU A 279 2.40 -41.80 2.45
N THR A 280 1.76 -40.69 2.81
CA THR A 280 2.51 -39.49 3.16
C THR A 280 2.00 -38.78 4.41
N HIS A 281 2.77 -37.79 4.85
CA HIS A 281 2.44 -36.97 6.01
C HIS A 281 1.82 -35.65 5.56
N LEU A 282 0.58 -35.41 5.97
CA LEU A 282 -0.09 -34.18 5.63
C LEU A 282 -0.05 -33.26 6.85
N ALA A 283 0.03 -31.96 6.60
CA ALA A 283 0.06 -30.98 7.68
C ALA A 283 -1.03 -29.94 7.42
N LEU A 284 -1.68 -29.49 8.49
CA LEU A 284 -2.74 -28.51 8.36
C LEU A 284 -2.30 -27.11 8.77
N VAL A 285 -2.32 -26.18 7.82
CA VAL A 285 -1.95 -24.80 8.10
C VAL A 285 -3.27 -24.08 8.44
N PRO A 286 -3.39 -23.55 9.68
CA PRO A 286 -4.63 -22.87 10.06
C PRO A 286 -4.82 -21.40 9.62
N ALA A 287 -4.78 -21.17 8.31
CA ALA A 287 -5.00 -19.83 7.76
C ALA A 287 -5.57 -20.02 6.36
N GLY A 288 -6.66 -19.31 6.04
CA GLY A 288 -7.28 -19.47 4.74
C GLY A 288 -7.59 -18.16 4.06
N TYR A 289 -8.45 -18.19 3.04
CA TYR A 289 -8.78 -16.97 2.31
C TYR A 289 -9.48 -15.88 3.10
N ALA A 290 -10.13 -16.24 4.19
CA ALA A 290 -10.79 -15.24 5.02
C ALA A 290 -9.70 -14.49 5.79
N ASP A 291 -8.51 -15.08 5.84
CA ASP A 291 -7.35 -14.49 6.53
C ASP A 291 -6.47 -13.72 5.57
N GLY A 292 -6.71 -13.90 4.28
CA GLY A 292 -5.91 -13.21 3.28
C GLY A 292 -5.14 -14.13 2.35
N ILE A 293 -5.23 -15.44 2.57
CA ILE A 293 -4.55 -16.40 1.71
C ILE A 293 -5.45 -16.52 0.48
N PRO A 294 -4.99 -16.07 -0.70
CA PRO A 294 -5.82 -16.14 -1.90
C PRO A 294 -6.24 -17.54 -2.29
N ARG A 295 -7.53 -17.72 -2.50
CA ARG A 295 -8.02 -19.03 -2.87
C ARG A 295 -7.49 -19.40 -4.26
N ASN A 296 -7.21 -18.40 -5.08
CA ASN A 296 -6.70 -18.62 -6.43
C ASN A 296 -5.31 -19.24 -6.44
N ALA A 297 -4.68 -19.30 -5.27
CA ALA A 297 -3.34 -19.88 -5.13
C ALA A 297 -3.42 -21.36 -4.79
N SER A 298 -4.62 -21.93 -4.85
CA SER A 298 -4.83 -23.34 -4.54
C SER A 298 -3.88 -24.19 -5.39
N GLY A 299 -3.12 -25.05 -4.72
CA GLY A 299 -2.19 -25.91 -5.42
C GLY A 299 -0.85 -25.29 -5.76
N ARG A 300 -0.74 -23.96 -5.63
CA ARG A 300 0.51 -23.28 -5.98
C ARG A 300 1.18 -22.53 -4.83
N GLY A 301 0.38 -21.96 -3.93
CA GLY A 301 0.92 -21.20 -2.82
C GLY A 301 2.09 -21.83 -2.08
N PRO A 302 3.24 -21.13 -2.01
CA PRO A 302 4.43 -21.64 -1.32
C PRO A 302 4.42 -21.39 0.19
N VAL A 303 4.88 -22.38 0.96
CA VAL A 303 4.93 -22.28 2.42
C VAL A 303 6.18 -22.98 2.96
N LEU A 304 6.85 -22.37 3.94
CA LEU A 304 8.04 -22.96 4.53
C LEU A 304 7.73 -23.75 5.80
N VAL A 305 7.84 -25.08 5.70
CA VAL A 305 7.56 -25.96 6.83
C VAL A 305 8.62 -27.05 6.94
N ALA A 306 9.20 -27.21 8.12
CA ALA A 306 10.21 -28.23 8.34
C ALA A 306 11.38 -28.07 7.37
N GLY A 307 11.94 -26.86 7.35
CA GLY A 307 13.08 -26.55 6.50
C GLY A 307 12.97 -26.84 5.01
N LYS A 308 11.77 -26.72 4.46
CA LYS A 308 11.57 -26.95 3.04
C LYS A 308 10.30 -26.27 2.57
N ILE A 309 10.34 -25.74 1.35
CA ILE A 309 9.20 -25.06 0.77
C ILE A 309 8.20 -26.09 0.27
N ARG A 310 6.96 -25.96 0.71
CA ARG A 310 5.90 -26.86 0.30
C ARG A 310 4.85 -26.07 -0.44
N ARG A 311 4.09 -26.75 -1.30
CA ARG A 311 3.03 -26.12 -2.07
C ARG A 311 1.68 -26.49 -1.48
N ALA A 312 0.74 -25.56 -1.56
CA ALA A 312 -0.61 -25.79 -1.04
C ALA A 312 -1.19 -27.02 -1.72
N ALA A 313 -1.56 -28.02 -0.93
CA ALA A 313 -2.10 -29.27 -1.47
C ALA A 313 -3.59 -29.15 -1.70
N GLY A 314 -3.99 -28.99 -2.95
CA GLY A 314 -5.40 -28.87 -3.27
C GLY A 314 -5.99 -27.49 -2.99
N ARG A 315 -7.30 -27.45 -2.82
CA ARG A 315 -8.05 -26.23 -2.57
C ARG A 315 -7.77 -25.58 -1.22
N ILE A 316 -7.67 -24.25 -1.22
CA ILE A 316 -7.45 -23.51 0.01
C ILE A 316 -8.84 -23.19 0.54
N ALA A 317 -9.08 -23.43 1.82
CA ALA A 317 -10.39 -23.18 2.41
C ALA A 317 -10.48 -21.82 3.08
N MET A 318 -11.63 -21.56 3.69
CA MET A 318 -11.88 -20.29 4.33
C MET A 318 -10.89 -19.96 5.43
N ASP A 319 -10.53 -20.95 6.23
CA ASP A 319 -9.62 -20.70 7.35
C ASP A 319 -8.48 -21.69 7.49
N GLN A 320 -8.18 -22.44 6.44
CA GLN A 320 -7.11 -23.40 6.51
C GLN A 320 -6.86 -24.05 5.17
N PHE A 321 -5.72 -24.71 5.05
CA PHE A 321 -5.34 -25.46 3.87
C PHE A 321 -4.26 -26.45 4.29
N VAL A 322 -4.10 -27.53 3.54
CA VAL A 322 -3.13 -28.55 3.92
C VAL A 322 -1.90 -28.57 3.00
N VAL A 323 -0.81 -29.08 3.56
CA VAL A 323 0.46 -29.20 2.87
C VAL A 323 0.97 -30.63 3.01
N ASP A 324 1.59 -31.15 1.96
CA ASP A 324 2.15 -32.50 1.93
C ASP A 324 3.62 -32.48 2.34
N LEU A 325 3.92 -33.05 3.50
CA LEU A 325 5.28 -33.09 4.00
C LEU A 325 6.07 -34.27 3.45
N GLY A 326 5.41 -35.08 2.61
CA GLY A 326 6.06 -36.23 2.03
C GLY A 326 6.63 -37.16 3.09
N GLU A 327 7.95 -37.30 3.09
CA GLU A 327 8.64 -38.15 4.05
C GLU A 327 8.99 -37.38 5.31
N ASP A 328 9.28 -36.09 5.14
CA ASP A 328 9.64 -35.21 6.25
C ASP A 328 8.62 -35.32 7.38
N LEU A 329 9.04 -34.94 8.58
CA LEU A 329 8.16 -35.01 9.72
C LEU A 329 8.12 -33.69 10.48
N ALA A 330 6.95 -33.39 11.04
CA ALA A 330 6.74 -32.18 11.82
C ALA A 330 5.65 -32.52 12.82
N GLU A 331 5.39 -31.62 13.76
CA GLU A 331 4.36 -31.85 14.77
C GLU A 331 3.51 -30.60 14.99
N ALA A 332 2.28 -30.81 15.46
CA ALA A 332 1.36 -29.71 15.72
C ALA A 332 2.07 -28.66 16.56
N GLY A 333 1.82 -27.40 16.24
CA GLY A 333 2.46 -26.33 16.99
C GLY A 333 3.73 -25.83 16.32
N ASP A 334 4.27 -26.60 15.39
CA ASP A 334 5.49 -26.20 14.68
C ASP A 334 5.13 -25.00 13.82
N GLU A 335 6.05 -24.04 13.72
CA GLU A 335 5.84 -22.82 12.95
C GLU A 335 6.05 -22.96 11.45
N ALA A 336 5.13 -22.38 10.69
CA ALA A 336 5.20 -22.39 9.24
C ALA A 336 5.22 -20.93 8.79
N VAL A 337 6.08 -20.61 7.82
CA VAL A 337 6.17 -19.25 7.31
C VAL A 337 5.51 -19.16 5.94
N ILE A 338 4.46 -18.36 5.83
CA ILE A 338 3.73 -18.23 4.56
C ILE A 338 4.41 -17.22 3.65
N LEU A 339 4.85 -16.11 4.23
CA LEU A 339 5.56 -15.09 3.47
C LEU A 339 6.49 -14.32 4.39
N GLY A 340 7.66 -13.96 3.86
CA GLY A 340 8.63 -13.23 4.63
C GLY A 340 9.75 -12.66 3.80
N ASP A 341 10.99 -12.86 4.26
CA ASP A 341 12.17 -12.33 3.59
C ASP A 341 12.88 -13.39 2.74
N ALA A 342 13.01 -13.11 1.44
CA ALA A 342 13.68 -14.04 0.52
C ALA A 342 15.12 -14.26 0.95
N GLU A 343 15.65 -13.33 1.73
CA GLU A 343 17.01 -13.41 2.24
C GLU A 343 17.15 -14.48 3.30
N ARG A 344 16.02 -14.86 3.91
CA ARG A 344 15.98 -15.88 4.94
C ARG A 344 15.50 -17.21 4.36
N GLY A 345 15.41 -17.29 3.04
CA GLY A 345 14.95 -18.52 2.41
C GLY A 345 13.46 -18.76 2.55
N GLU A 346 12.72 -17.71 2.89
CA GLU A 346 11.28 -17.81 3.07
C GLU A 346 10.54 -17.39 1.79
N PRO A 347 9.28 -17.81 1.65
CA PRO A 347 8.52 -17.42 0.44
C PRO A 347 8.24 -15.93 0.58
N THR A 348 7.96 -15.25 -0.54
CA THR A 348 7.70 -13.81 -0.48
C THR A 348 6.36 -13.36 -1.02
N ALA A 349 6.07 -12.07 -0.85
CA ALA A 349 4.82 -11.48 -1.34
C ALA A 349 4.69 -11.67 -2.84
N GLU A 350 5.80 -11.53 -3.56
CA GLU A 350 5.79 -11.70 -5.01
C GLU A 350 5.59 -13.17 -5.37
N ASP A 351 6.19 -14.06 -4.58
CA ASP A 351 6.05 -15.50 -4.79
C ASP A 351 4.56 -15.84 -4.79
N TRP A 352 3.84 -15.25 -3.85
CA TRP A 352 2.42 -15.50 -3.74
C TRP A 352 1.60 -14.78 -4.80
N ALA A 353 2.10 -13.63 -5.27
CA ALA A 353 1.39 -12.89 -6.31
C ALA A 353 1.39 -13.77 -7.56
N GLN A 354 2.54 -14.38 -7.85
CA GLN A 354 2.66 -15.26 -9.01
C GLN A 354 1.73 -16.46 -8.85
N ALA A 355 1.83 -17.12 -7.70
CA ALA A 355 1.01 -18.28 -7.41
C ALA A 355 -0.48 -18.00 -7.59
N ALA A 356 -0.94 -16.82 -7.16
CA ALA A 356 -2.35 -16.46 -7.24
C ALA A 356 -2.75 -15.67 -8.49
N HIS A 357 -1.81 -15.50 -9.41
CA HIS A 357 -2.07 -14.77 -10.65
C HIS A 357 -2.54 -13.35 -10.37
N THR A 358 -1.85 -12.67 -9.48
CA THR A 358 -2.19 -11.30 -9.15
C THR A 358 -0.91 -10.51 -8.93
N ILE A 359 -1.00 -9.37 -8.25
CA ILE A 359 0.19 -8.55 -8.00
C ILE A 359 0.46 -8.44 -6.50
N ALA A 360 1.74 -8.30 -6.13
CA ALA A 360 2.15 -8.19 -4.73
C ALA A 360 1.34 -7.19 -3.92
N TYR A 361 0.84 -6.15 -4.58
CA TYR A 361 0.03 -5.13 -3.93
C TYR A 361 -1.17 -5.77 -3.22
N GLU A 362 -1.91 -6.60 -3.95
CA GLU A 362 -3.11 -7.25 -3.40
C GLU A 362 -2.79 -8.23 -2.28
N ILE A 363 -1.66 -8.93 -2.38
CA ILE A 363 -1.25 -9.91 -1.38
C ILE A 363 -1.13 -9.33 0.03
N VAL A 364 -0.26 -8.34 0.22
CA VAL A 364 -0.08 -7.75 1.55
C VAL A 364 -1.28 -6.96 2.05
N THR A 365 -1.93 -6.23 1.15
CA THR A 365 -3.06 -5.40 1.53
C THR A 365 -4.29 -6.17 1.98
N ARG A 366 -4.50 -7.35 1.40
CA ARG A 366 -5.66 -8.17 1.71
C ARG A 366 -5.55 -9.08 2.93
N ILE A 367 -4.50 -8.91 3.73
CA ILE A 367 -4.34 -9.72 4.94
C ILE A 367 -5.44 -9.29 5.92
N GLY A 368 -6.31 -10.22 6.27
CA GLY A 368 -7.45 -9.95 7.13
C GLY A 368 -7.26 -9.30 8.50
N GLY A 369 -8.30 -8.61 8.95
CA GLY A 369 -8.26 -7.96 10.25
C GLY A 369 -8.29 -9.02 11.34
N ARG A 370 -8.69 -10.24 10.96
CA ARG A 370 -8.76 -11.36 11.87
C ARG A 370 -7.35 -11.70 12.34
N VAL A 371 -6.38 -11.41 11.49
CA VAL A 371 -4.97 -11.69 11.76
C VAL A 371 -4.29 -10.63 12.62
N PRO A 372 -3.83 -11.00 13.82
CA PRO A 372 -3.18 -10.03 14.70
C PRO A 372 -1.81 -9.61 14.16
N ARG A 373 -1.44 -8.37 14.43
CA ARG A 373 -0.14 -7.83 13.99
C ARG A 373 0.74 -7.69 15.23
N VAL A 374 2.01 -8.05 15.08
CA VAL A 374 2.98 -7.96 16.16
C VAL A 374 4.08 -7.05 15.64
N TYR A 375 4.46 -6.05 16.42
CA TYR A 375 5.48 -5.09 15.99
C TYR A 375 6.85 -5.23 16.63
N LEU A 376 7.88 -5.09 15.80
CA LEU A 376 9.26 -5.13 16.27
C LEU A 376 9.99 -3.93 15.69
N GLY A 377 11.08 -3.54 16.33
CA GLY A 377 11.85 -2.41 15.85
C GLY A 377 11.19 -1.07 16.09
N GLY A 378 11.72 -0.04 15.42
CA GLY A 378 11.20 1.30 15.59
C GLY A 378 11.37 1.70 17.03
N LEU A 379 10.65 2.73 17.46
CA LEU A 379 10.73 3.18 18.83
C LEU A 379 9.55 2.58 19.57
N GLU A 380 9.72 2.33 20.87
CA GLU A 380 8.67 1.73 21.69
C GLU A 380 7.28 2.35 21.56
N HIS A 381 7.20 3.67 21.43
CA HIS A 381 5.89 4.32 21.32
C HIS A 381 5.30 4.23 19.91
N HIS A 382 6.07 3.71 18.96
CA HIS A 382 5.59 3.57 17.59
C HIS A 382 4.42 2.60 17.55
N HIS A 383 4.54 1.49 18.30
CA HIS A 383 3.46 0.51 18.35
C HIS A 383 2.57 0.75 19.54
N HIS A 384 1.34 1.18 19.28
CA HIS A 384 0.35 1.45 20.32
C HIS A 384 -1.06 1.50 19.72
N1 PLP B . -0.60 8.01 -5.42
C2 PLP B . -1.97 7.70 -5.42
C2A PLP B . -3.00 8.65 -5.98
C3 PLP B . -2.34 6.49 -4.87
O3 PLP B . -3.63 6.12 -4.85
C4 PLP B . -1.34 5.64 -4.35
C4A PLP B . -1.77 4.32 -3.57
C5 PLP B . 0.03 6.03 -4.41
C6 PLP B . 0.36 7.21 -4.93
C5A PLP B . 1.15 5.13 -3.94
O4P PLP B . 1.40 4.11 -4.91
P PLP B . 2.51 2.99 -4.78
O1P PLP B . 3.73 3.68 -4.32
O2P PLP B . 2.02 2.04 -3.79
O3P PLP B . 2.68 2.39 -6.09
#